data_6LK0
#
_entry.id   6LK0
#
_cell.length_a   90.762
_cell.length_b   90.762
_cell.length_c   114.360
_cell.angle_alpha   90.000
_cell.angle_beta   90.000
_cell.angle_gamma   120.000
#
_symmetry.space_group_name_H-M   'P 65'
#
loop_
_entity.id
_entity.type
_entity.pdbx_description
1 polymer 'Pachytene checkpoint protein 2 homolog'
2 water water
#
_entity_poly.entity_id   1
_entity_poly.type   'polypeptide(L)'
_entity_poly.pdbx_seq_one_letter_code
;SMDEAVGDLKQALPCVAESPTVHVEVHQRGSSTAKKEDINLSVRKLLNRHNIVFGDYTWTEFDEPFLTRNVQSVSIIDTE
LKVKDSQPIDLSACTVALHIFQLNEDGPSSENLEEETENIIAANHWVLPAAEFHGLWDSLVYDVEVKSHLLDYVMTTLLF
SDKNVNSNLITWNRVVLLHGPPGTGKTSLCKALAQKLTIRLSSRYRYGQLIEINSHSLFSKWFSESGKLVTKMFQKIQDL
IDDKDALVFVLIDEVESLTAARNACRAGTEPSDAIRVVNAVLTQIDQIKRHSNVVILTTSNITEKIDVAFVDRADIKQYI
GPPSAAAIFKIYLSCLEELMKCQIIYPRQQLLTLRELEMIGFIENNVSKLSLLLNDISRKSEGLSGRVLRKLPFLAHALY
VQAPTVTIEGFLQALSLAVDKQFEERKKLAAYI
;
_entity_poly.pdbx_strand_id   A
#
# COMPACT_ATOMS: atom_id res chain seq x y z
N THR A 21 9.10 -12.26 -14.55
CA THR A 21 10.28 -12.72 -13.72
C THR A 21 9.82 -12.93 -12.26
N VAL A 22 10.76 -13.15 -11.34
CA VAL A 22 10.45 -13.10 -9.88
C VAL A 22 11.06 -11.80 -9.32
N HIS A 23 10.27 -11.06 -8.52
CA HIS A 23 10.64 -9.76 -7.90
C HIS A 23 11.03 -10.02 -6.46
N VAL A 24 12.21 -9.53 -6.08
CA VAL A 24 12.78 -9.68 -4.72
C VAL A 24 13.11 -8.28 -4.18
N GLU A 25 12.33 -7.88 -3.18
CA GLU A 25 12.41 -6.56 -2.53
C GLU A 25 13.31 -6.70 -1.31
N VAL A 26 14.39 -5.91 -1.29
CA VAL A 26 15.47 -5.95 -0.27
C VAL A 26 15.42 -4.66 0.53
N HIS A 27 14.90 -4.76 1.75
CA HIS A 27 14.82 -3.64 2.71
C HIS A 27 16.20 -3.56 3.35
N GLN A 28 16.95 -2.50 3.04
CA GLN A 28 18.24 -2.24 3.70
C GLN A 28 17.97 -1.39 4.95
N ARG A 29 18.63 -1.72 6.05
CA ARG A 29 18.53 -0.99 7.35
C ARG A 29 18.81 0.48 7.13
N GLY A 30 18.09 1.36 7.85
CA GLY A 30 18.34 2.81 7.86
C GLY A 30 19.80 3.15 8.16
N SER A 31 20.42 2.40 9.08
CA SER A 31 21.77 2.66 9.65
C SER A 31 22.86 2.26 8.66
N SER A 32 22.55 1.34 7.74
CA SER A 32 23.54 0.73 6.82
C SER A 32 24.07 1.80 5.88
N THR A 33 25.34 1.71 5.53
CA THR A 33 26.00 2.53 4.48
C THR A 33 26.78 1.61 3.55
N ALA A 34 26.40 0.32 3.51
CA ALA A 34 26.91 -0.67 2.55
C ALA A 34 26.42 -0.29 1.14
N LYS A 35 27.21 -0.61 0.11
CA LYS A 35 26.86 -0.28 -1.30
C LYS A 35 25.90 -1.36 -1.83
N LYS A 36 25.02 -0.99 -2.77
CA LYS A 36 23.95 -1.89 -3.29
C LYS A 36 24.62 -3.06 -4.01
N GLU A 37 25.73 -2.82 -4.71
CA GLU A 37 26.57 -3.88 -5.34
C GLU A 37 26.68 -5.07 -4.37
N ASP A 38 27.14 -4.83 -3.14
CA ASP A 38 27.45 -5.91 -2.15
C ASP A 38 26.12 -6.48 -1.66
N ILE A 39 25.17 -5.62 -1.29
CA ILE A 39 23.83 -6.12 -0.87
C ILE A 39 23.31 -7.04 -1.97
N ASN A 40 23.48 -6.65 -3.24
CA ASN A 40 23.03 -7.39 -4.46
C ASN A 40 23.81 -8.72 -4.56
N LEU A 41 25.14 -8.66 -4.67
CA LEU A 41 26.04 -9.84 -4.64
C LEU A 41 25.52 -10.83 -3.58
N SER A 42 25.53 -10.40 -2.32
CA SER A 42 25.25 -11.22 -1.11
C SER A 42 23.83 -11.80 -1.14
N VAL A 43 22.85 -11.05 -1.64
CA VAL A 43 21.42 -11.51 -1.58
C VAL A 43 21.15 -12.54 -2.69
N ARG A 44 21.81 -12.44 -3.85
CA ARG A 44 21.70 -13.47 -4.93
C ARG A 44 22.25 -14.80 -4.39
N LYS A 45 23.41 -14.74 -3.72
CA LYS A 45 24.12 -15.91 -3.12
C LYS A 45 23.22 -16.55 -2.05
N LEU A 46 22.50 -15.74 -1.26
CA LEU A 46 21.48 -16.28 -0.30
C LEU A 46 20.45 -17.12 -1.07
N LEU A 47 20.08 -16.70 -2.29
CA LEU A 47 18.97 -17.30 -3.07
C LEU A 47 19.44 -18.57 -3.81
N ASN A 48 20.75 -18.69 -4.07
CA ASN A 48 21.37 -19.99 -4.50
C ASN A 48 21.17 -21.05 -3.42
N ARG A 49 21.46 -20.75 -2.15
CA ARG A 49 21.28 -21.69 -1.01
C ARG A 49 19.80 -22.07 -0.82
N HIS A 50 18.86 -21.50 -1.60
CA HIS A 50 17.40 -21.74 -1.43
C HIS A 50 16.64 -21.75 -2.77
N ASN A 51 17.27 -22.15 -3.89
CA ASN A 51 16.53 -22.57 -5.11
C ASN A 51 15.14 -23.05 -4.68
N ASP A 56 5.48 -17.29 -1.97
CA ASP A 56 6.47 -16.21 -1.77
C ASP A 56 6.81 -16.12 -0.27
N TYR A 57 8.11 -16.02 0.04
CA TYR A 57 8.68 -16.09 1.42
C TYR A 57 9.41 -14.76 1.75
N THR A 58 9.32 -14.34 3.01
CA THR A 58 10.05 -13.17 3.60
C THR A 58 11.06 -13.70 4.62
N TRP A 59 12.31 -13.22 4.55
CA TRP A 59 13.42 -13.51 5.49
C TRP A 59 13.64 -12.30 6.41
N THR A 60 13.87 -12.52 7.71
CA THR A 60 14.09 -11.49 8.76
C THR A 60 15.40 -11.77 9.53
N GLU A 61 15.86 -13.03 9.53
CA GLU A 61 17.10 -13.53 10.20
C GLU A 61 17.88 -14.32 9.14
N PHE A 62 19.20 -14.15 9.07
CA PHE A 62 20.09 -14.70 8.02
C PHE A 62 21.31 -15.37 8.66
N ASP A 63 21.93 -16.32 7.95
CA ASP A 63 23.18 -16.99 8.38
C ASP A 63 24.35 -16.00 8.24
N GLU A 64 24.55 -15.42 7.06
CA GLU A 64 25.67 -14.49 6.76
C GLU A 64 25.54 -13.22 7.62
N PRO A 65 26.57 -12.88 8.43
CA PRO A 65 26.55 -11.66 9.25
C PRO A 65 26.28 -10.34 8.49
N PHE A 66 26.88 -10.18 7.31
CA PHE A 66 26.71 -8.97 6.44
C PHE A 66 25.21 -8.66 6.24
N LEU A 67 24.41 -9.72 6.03
CA LEU A 67 22.94 -9.59 5.88
C LEU A 67 22.32 -9.08 7.18
N THR A 68 22.50 -9.80 8.30
CA THR A 68 21.89 -9.42 9.59
C THR A 68 22.25 -7.94 9.91
N ARG A 69 23.48 -7.51 9.57
CA ARG A 69 23.97 -6.13 9.84
C ARG A 69 23.21 -5.09 8.98
N ASN A 70 23.04 -5.38 7.69
CA ASN A 70 22.75 -4.36 6.66
C ASN A 70 21.28 -4.40 6.19
N VAL A 71 20.66 -5.58 6.23
CA VAL A 71 19.38 -5.92 5.55
C VAL A 71 18.35 -6.30 6.63
N GLN A 72 17.16 -5.71 6.60
CA GLN A 72 16.07 -5.98 7.57
C GLN A 72 15.15 -7.08 7.05
N SER A 73 14.94 -7.17 5.74
CA SER A 73 14.07 -8.17 5.09
C SER A 73 14.41 -8.37 3.62
N VAL A 74 14.47 -9.62 3.18
CA VAL A 74 14.42 -10.04 1.76
C VAL A 74 13.04 -10.66 1.54
N SER A 75 12.38 -10.34 0.43
CA SER A 75 10.94 -10.63 0.26
C SER A 75 10.65 -10.98 -1.22
N ILE A 76 10.48 -12.28 -1.51
CA ILE A 76 9.96 -12.80 -2.81
C ILE A 76 8.48 -12.41 -2.84
N ILE A 77 8.04 -11.64 -3.85
CA ILE A 77 6.78 -10.82 -3.77
C ILE A 77 6.16 -10.70 -5.17
N VAL A 96 14.61 -13.06 -12.26
CA VAL A 96 14.98 -12.68 -10.86
C VAL A 96 15.54 -11.24 -10.83
N ALA A 97 14.70 -10.26 -10.48
CA ALA A 97 15.10 -8.84 -10.35
C ALA A 97 15.10 -8.45 -8.86
N LEU A 98 16.17 -7.76 -8.45
CA LEU A 98 16.33 -7.24 -7.06
C LEU A 98 16.04 -5.75 -7.05
N HIS A 99 15.23 -5.34 -6.08
CA HIS A 99 15.00 -3.92 -5.73
C HIS A 99 15.48 -3.70 -4.30
N ILE A 100 16.59 -2.98 -4.15
CA ILE A 100 17.18 -2.61 -2.83
C ILE A 100 16.80 -1.16 -2.56
N PHE A 101 16.14 -0.91 -1.42
CA PHE A 101 15.70 0.42 -0.94
C PHE A 101 16.00 0.53 0.56
N GLN A 102 16.16 1.79 0.98
CA GLN A 102 16.17 2.28 2.36
C GLN A 102 14.95 3.18 2.53
N LEU A 103 14.26 3.07 3.66
CA LEU A 103 13.14 3.95 4.03
C LEU A 103 13.70 5.27 4.59
N ASN A 104 13.08 6.42 4.21
CA ASN A 104 13.28 7.76 4.82
C ASN A 104 12.30 7.91 5.99
N GLU A 105 12.71 8.55 7.10
CA GLU A 105 11.82 8.85 8.26
C GLU A 105 11.42 10.33 8.29
N ILE A 120 6.41 23.10 3.27
CA ILE A 120 5.24 23.34 2.35
C ILE A 120 3.98 23.44 3.22
N ILE A 121 3.06 24.31 2.79
CA ILE A 121 1.85 24.73 3.56
C ILE A 121 0.61 24.32 2.75
N ALA A 122 -0.35 23.66 3.41
CA ALA A 122 -1.55 23.06 2.80
C ALA A 122 -1.16 21.86 1.91
N ALA A 123 -0.01 21.23 2.19
CA ALA A 123 0.36 19.92 1.59
C ALA A 123 1.29 19.15 2.53
N ASN A 124 1.10 17.83 2.57
CA ASN A 124 2.04 16.87 3.19
C ASN A 124 3.04 16.45 2.12
N HIS A 125 4.31 16.34 2.50
CA HIS A 125 5.44 15.93 1.64
C HIS A 125 6.15 14.74 2.29
N TRP A 126 6.48 13.72 1.50
CA TRP A 126 7.25 12.54 1.92
C TRP A 126 8.30 12.30 0.83
N VAL A 127 9.53 12.00 1.22
CA VAL A 127 10.54 11.33 0.37
C VAL A 127 10.18 9.84 0.29
N LEU A 128 10.13 9.29 -0.92
CA LEU A 128 9.82 7.85 -1.12
C LEU A 128 11.13 7.11 -1.32
N PRO A 129 11.22 5.80 -1.00
CA PRO A 129 10.21 5.13 -0.19
C PRO A 129 10.22 5.57 1.29
N ALA A 130 9.03 5.84 1.81
CA ALA A 130 8.79 6.42 3.14
C ALA A 130 8.46 5.33 4.17
N ALA A 131 9.08 5.43 5.36
CA ALA A 131 8.79 4.60 6.55
C ALA A 131 7.28 4.53 6.81
N GLU A 132 6.55 5.65 6.71
CA GLU A 132 5.10 5.72 7.04
C GLU A 132 4.28 4.77 6.16
N PHE A 133 4.73 4.51 4.92
CA PHE A 133 4.01 3.67 3.93
C PHE A 133 4.57 2.24 3.84
N HIS A 134 5.48 1.81 4.72
CA HIS A 134 6.06 0.45 4.67
C HIS A 134 5.00 -0.56 5.09
N GLY A 135 4.66 -1.49 4.21
CA GLY A 135 3.59 -2.49 4.41
C GLY A 135 2.20 -2.04 3.95
N LEU A 136 2.05 -0.77 3.58
CA LEU A 136 0.73 -0.22 3.14
C LEU A 136 0.17 -1.06 1.98
N TRP A 137 1.00 -1.34 0.97
CA TRP A 137 0.65 -2.13 -0.24
C TRP A 137 0.02 -3.48 0.16
N ASP A 138 0.75 -4.28 0.95
CA ASP A 138 0.33 -5.63 1.40
C ASP A 138 -0.95 -5.50 2.24
N SER A 139 -1.15 -4.37 2.92
CA SER A 139 -2.29 -4.17 3.83
C SER A 139 -3.57 -4.03 3.03
N LEU A 140 -3.52 -3.75 1.72
CA LEU A 140 -4.73 -3.42 0.90
C LEU A 140 -5.12 -4.64 0.04
N VAL A 141 -6.39 -5.03 0.09
CA VAL A 141 -6.91 -6.33 -0.39
C VAL A 141 -8.17 -6.06 -1.20
N TYR A 142 -8.14 -6.38 -2.50
CA TYR A 142 -9.25 -6.13 -3.45
C TYR A 142 -9.69 -7.48 -4.02
N ASP A 143 -10.99 -7.68 -4.22
CA ASP A 143 -11.58 -8.90 -4.88
C ASP A 143 -10.77 -9.27 -6.13
N VAL A 144 -10.51 -8.28 -7.00
CA VAL A 144 -9.79 -8.42 -8.30
C VAL A 144 -8.40 -7.81 -8.16
N GLU A 145 -7.59 -7.95 -9.22
CA GLU A 145 -6.14 -7.63 -9.23
C GLU A 145 -5.88 -6.16 -9.60
N VAL A 146 -6.68 -5.23 -9.05
CA VAL A 146 -6.54 -3.76 -9.28
C VAL A 146 -5.07 -3.31 -9.04
N LYS A 147 -4.42 -3.77 -7.98
CA LYS A 147 -3.06 -3.29 -7.58
C LYS A 147 -2.05 -3.65 -8.68
N SER A 148 -2.03 -4.88 -9.10
CA SER A 148 -1.03 -5.38 -10.07
C SER A 148 -1.30 -4.72 -11.44
N HIS A 149 -2.58 -4.45 -11.76
CA HIS A 149 -2.99 -3.75 -13.00
C HIS A 149 -2.50 -2.29 -12.93
N LEU A 150 -2.75 -1.57 -11.84
CA LEU A 150 -2.36 -0.15 -11.70
C LEU A 150 -0.86 -0.05 -11.86
N LEU A 151 -0.14 -0.92 -11.18
CA LEU A 151 1.34 -0.92 -11.26
C LEU A 151 1.72 -1.10 -12.73
N ASP A 152 1.13 -2.07 -13.41
CA ASP A 152 1.49 -2.36 -14.82
C ASP A 152 1.18 -1.13 -15.70
N TYR A 153 0.01 -0.49 -15.54
CA TYR A 153 -0.43 0.65 -16.37
C TYR A 153 0.54 1.82 -16.14
N VAL A 154 0.80 2.18 -14.89
CA VAL A 154 1.64 3.37 -14.60
C VAL A 154 3.05 3.07 -15.09
N MET A 155 3.50 1.83 -15.02
CA MET A 155 4.84 1.51 -15.53
C MET A 155 4.91 1.59 -17.06
N THR A 156 3.87 1.23 -17.81
CA THR A 156 3.98 1.40 -19.28
C THR A 156 3.79 2.90 -19.60
N THR A 157 2.93 3.61 -18.88
CA THR A 157 2.86 5.09 -18.95
C THR A 157 4.27 5.68 -18.88
N LEU A 158 5.15 5.18 -17.99
CA LEU A 158 6.46 5.82 -17.70
C LEU A 158 7.49 5.37 -18.74
N LEU A 159 7.46 4.12 -19.17
CA LEU A 159 8.23 3.64 -20.35
C LEU A 159 7.92 4.52 -21.58
N PHE A 160 6.66 4.81 -21.81
CA PHE A 160 6.17 5.57 -22.99
C PHE A 160 6.61 7.04 -22.92
N SER A 161 6.54 7.70 -21.77
CA SER A 161 7.06 9.08 -21.66
C SER A 161 8.59 9.06 -21.89
N ASP A 162 9.29 8.12 -21.27
CA ASP A 162 10.77 7.97 -21.41
C ASP A 162 11.14 7.96 -22.89
N LYS A 163 10.50 7.10 -23.68
CA LYS A 163 10.77 6.87 -25.12
C LYS A 163 9.95 7.83 -25.98
N ASN A 164 9.31 8.82 -25.37
CA ASN A 164 8.65 9.99 -26.03
C ASN A 164 7.64 9.58 -27.12
N VAL A 165 6.93 8.47 -26.95
CA VAL A 165 5.76 8.00 -27.78
C VAL A 165 4.76 9.15 -27.99
N ASN A 166 4.33 9.43 -29.22
CA ASN A 166 3.40 10.56 -29.49
C ASN A 166 2.03 10.19 -28.92
N SER A 167 1.53 10.97 -27.97
CA SER A 167 0.27 10.67 -27.27
C SER A 167 -0.93 10.96 -28.20
N ASN A 168 -0.69 11.54 -29.37
CA ASN A 168 -1.72 11.68 -30.43
C ASN A 168 -1.91 10.34 -31.15
N LEU A 169 -0.91 9.45 -31.20
CA LEU A 169 -1.01 8.15 -31.90
C LEU A 169 -1.37 7.01 -30.93
N ILE A 170 -0.80 6.97 -29.74
CA ILE A 170 -1.16 5.99 -28.68
C ILE A 170 -1.53 6.76 -27.42
N THR A 171 -2.76 6.60 -26.94
CA THR A 171 -3.29 7.52 -25.90
C THR A 171 -2.75 7.06 -24.55
N TRP A 172 -2.12 8.00 -23.86
CA TRP A 172 -1.53 7.86 -22.51
C TRP A 172 -1.19 9.25 -21.98
N ASN A 173 -1.16 9.37 -20.66
CA ASN A 173 -0.75 10.59 -19.93
C ASN A 173 -0.41 10.15 -18.51
N ARG A 174 0.13 11.04 -17.68
CA ARG A 174 0.62 10.64 -16.34
C ARG A 174 -0.40 11.07 -15.28
N VAL A 175 -1.69 10.90 -15.54
CA VAL A 175 -2.68 11.10 -14.46
C VAL A 175 -3.51 9.83 -14.31
N VAL A 176 -3.77 9.47 -13.04
CA VAL A 176 -4.48 8.25 -12.55
C VAL A 176 -5.70 8.72 -11.77
N LEU A 177 -6.88 8.15 -12.03
CA LEU A 177 -8.09 8.42 -11.23
C LEU A 177 -8.51 7.09 -10.63
N LEU A 178 -8.45 7.00 -9.31
CA LEU A 178 -9.09 5.92 -8.52
C LEU A 178 -10.41 6.50 -8.08
N HIS A 179 -11.53 5.90 -8.47
CA HIS A 179 -12.85 6.38 -7.99
C HIS A 179 -13.64 5.21 -7.39
N GLY A 180 -14.52 5.51 -6.43
CA GLY A 180 -15.52 4.55 -5.95
C GLY A 180 -16.07 4.98 -4.60
N PRO A 181 -16.84 4.09 -3.92
CA PRO A 181 -17.43 4.43 -2.63
C PRO A 181 -16.37 4.65 -1.56
N PRO A 182 -16.66 5.50 -0.55
CA PRO A 182 -15.69 5.77 0.53
C PRO A 182 -15.47 4.55 1.44
N GLY A 183 -14.30 4.49 2.08
CA GLY A 183 -13.86 3.44 3.03
C GLY A 183 -13.05 2.36 2.34
N THR A 184 -12.72 2.61 1.08
CA THR A 184 -12.14 1.67 0.09
C THR A 184 -10.60 1.71 0.07
N GLY A 185 -9.98 2.71 0.69
CA GLY A 185 -8.51 2.83 0.69
C GLY A 185 -7.95 3.36 -0.63
N LYS A 186 -8.68 4.23 -1.33
CA LYS A 186 -8.25 4.96 -2.57
C LYS A 186 -7.00 5.82 -2.29
N THR A 187 -6.96 6.54 -1.18
CA THR A 187 -5.77 7.38 -0.83
C THR A 187 -4.59 6.52 -0.42
N SER A 188 -4.82 5.45 0.34
CA SER A 188 -3.75 4.52 0.78
C SER A 188 -3.18 3.81 -0.43
N LEU A 189 -4.00 3.53 -1.43
CA LEU A 189 -3.56 2.81 -2.67
C LEU A 189 -2.71 3.76 -3.51
N CYS A 190 -3.09 5.04 -3.64
CA CYS A 190 -2.24 6.09 -4.30
C CYS A 190 -0.86 6.15 -3.60
N LYS A 191 -0.84 6.19 -2.27
CA LYS A 191 0.43 6.16 -1.51
C LYS A 191 1.14 4.83 -1.74
N ALA A 192 0.42 3.73 -1.64
CA ALA A 192 1.05 2.40 -1.68
C ALA A 192 1.71 2.27 -3.06
N LEU A 193 1.01 2.77 -4.09
CA LEU A 193 1.43 2.70 -5.52
C LEU A 193 2.66 3.56 -5.80
N ALA A 194 2.70 4.77 -5.22
CA ALA A 194 3.88 5.65 -5.28
C ALA A 194 5.10 4.93 -4.68
N GLN A 195 4.94 4.37 -3.49
CA GLN A 195 6.00 3.62 -2.79
C GLN A 195 6.50 2.52 -3.73
N LYS A 196 5.61 1.70 -4.29
CA LYS A 196 6.03 0.49 -5.04
C LYS A 196 6.71 0.88 -6.36
N LEU A 197 6.13 1.82 -7.11
CA LEU A 197 6.79 2.38 -8.34
C LEU A 197 8.19 2.84 -7.95
N THR A 198 8.31 3.57 -6.84
CA THR A 198 9.63 4.10 -6.43
C THR A 198 10.59 2.93 -6.19
N ILE A 199 10.18 1.90 -5.47
CA ILE A 199 11.03 0.72 -5.15
C ILE A 199 11.43 0.01 -6.45
N ARG A 200 10.49 -0.18 -7.37
CA ARG A 200 10.70 -1.01 -8.60
C ARG A 200 11.46 -0.24 -9.68
N LEU A 201 11.61 1.07 -9.53
CA LEU A 201 12.25 1.94 -10.54
C LEU A 201 13.54 2.56 -9.98
N SER A 202 14.12 1.96 -8.93
CA SER A 202 15.43 2.42 -8.38
C SER A 202 16.48 2.46 -9.48
N SER A 203 16.36 1.68 -10.56
CA SER A 203 17.36 1.62 -11.65
C SER A 203 17.17 2.80 -12.60
N ARG A 204 16.08 3.55 -12.44
CA ARG A 204 15.76 4.72 -13.29
C ARG A 204 15.67 6.00 -12.46
N TYR A 205 15.13 5.92 -11.23
CA TYR A 205 14.96 7.09 -10.33
C TYR A 205 15.71 6.81 -9.04
N ARG A 206 16.43 7.79 -8.50
CA ARG A 206 17.25 7.56 -7.29
C ARG A 206 16.28 7.49 -6.10
N TYR A 207 15.19 8.23 -6.15
CA TYR A 207 14.22 8.30 -5.04
C TYR A 207 12.93 8.86 -5.59
N GLY A 208 11.88 8.89 -4.78
CA GLY A 208 10.59 9.50 -5.17
C GLY A 208 10.21 10.64 -4.25
N GLN A 209 9.21 11.41 -4.65
CA GLN A 209 8.61 12.48 -3.82
C GLN A 209 7.09 12.33 -3.88
N LEU A 210 6.40 12.48 -2.75
CA LEU A 210 4.92 12.54 -2.71
C LEU A 210 4.49 13.85 -2.06
N ILE A 211 3.62 14.57 -2.75
CA ILE A 211 2.98 15.79 -2.23
C ILE A 211 1.49 15.52 -2.29
N GLU A 212 0.85 15.42 -1.12
CA GLU A 212 -0.63 15.30 -0.97
C GLU A 212 -1.18 16.71 -0.70
N ILE A 213 -1.88 17.28 -1.67
CA ILE A 213 -2.54 18.61 -1.55
C ILE A 213 -3.84 18.39 -0.75
N ASN A 214 -4.06 19.26 0.24
CA ASN A 214 -5.29 19.35 1.09
C ASN A 214 -6.31 20.25 0.39
N SER A 215 -7.38 19.67 -0.16
CA SER A 215 -8.59 20.39 -0.65
C SER A 215 -9.35 20.99 0.54
N HIS A 216 -8.64 21.28 1.65
CA HIS A 216 -8.99 22.32 2.65
C HIS A 216 -8.29 23.63 2.23
N SER A 217 -8.35 23.92 0.93
CA SER A 217 -7.93 25.21 0.31
C SER A 217 -9.17 26.10 0.11
N LEU A 218 -10.38 25.55 0.30
CA LEU A 218 -11.63 26.34 0.43
C LEU A 218 -11.67 26.94 1.84
N PHE A 219 -10.79 27.92 2.09
CA PHE A 219 -10.68 28.71 3.34
C PHE A 219 -9.83 29.96 3.01
N SER A 220 -9.88 30.99 3.85
CA SER A 220 -9.21 32.30 3.63
C SER A 220 -7.90 32.36 4.42
N LYS A 228 0.31 35.03 -3.53
CA LYS A 228 -0.48 34.38 -2.44
C LYS A 228 -0.07 32.90 -2.28
N LEU A 229 -0.86 32.12 -1.54
CA LEU A 229 -0.57 30.73 -1.07
C LEU A 229 -0.22 29.82 -2.25
N VAL A 230 -1.15 29.60 -3.18
CA VAL A 230 -1.08 28.56 -4.26
C VAL A 230 0.23 28.69 -5.06
N THR A 231 0.69 29.92 -5.33
CA THR A 231 1.91 30.16 -6.12
C THR A 231 3.14 29.70 -5.31
N LYS A 232 3.06 29.78 -3.98
CA LYS A 232 4.17 29.41 -3.07
C LYS A 232 4.29 27.88 -3.03
N MET A 233 3.15 27.20 -2.91
CA MET A 233 3.07 25.71 -2.87
C MET A 233 3.70 25.14 -4.15
N PHE A 234 3.20 25.55 -5.33
CA PHE A 234 3.61 24.96 -6.64
C PHE A 234 5.06 25.34 -6.95
N GLN A 235 5.56 26.46 -6.40
CA GLN A 235 6.98 26.86 -6.58
C GLN A 235 7.85 25.83 -5.83
N LYS A 236 7.49 25.52 -4.59
CA LYS A 236 8.14 24.46 -3.79
C LYS A 236 8.03 23.12 -4.54
N ILE A 237 6.82 22.77 -5.03
CA ILE A 237 6.64 21.52 -5.82
C ILE A 237 7.58 21.56 -7.03
N GLN A 238 7.67 22.68 -7.74
CA GLN A 238 8.55 22.82 -8.95
C GLN A 238 10.02 22.54 -8.59
N ASP A 239 10.44 22.92 -7.40
CA ASP A 239 11.85 22.76 -6.93
C ASP A 239 12.19 21.28 -6.81
N LEU A 240 11.25 20.46 -6.34
CA LEU A 240 11.40 18.98 -6.24
C LEU A 240 11.37 18.40 -7.66
N ILE A 241 10.52 18.92 -8.55
CA ILE A 241 10.41 18.38 -9.93
C ILE A 241 11.73 18.60 -10.68
N ASP A 242 12.44 19.70 -10.43
CA ASP A 242 13.68 20.07 -11.17
C ASP A 242 14.73 18.99 -10.97
N ASP A 243 14.70 18.29 -9.84
CA ASP A 243 15.60 17.13 -9.62
C ASP A 243 15.02 15.95 -10.40
N LYS A 244 15.73 15.52 -11.42
CA LYS A 244 15.21 14.61 -12.48
C LYS A 244 15.72 13.21 -12.17
N ASP A 245 16.40 13.08 -11.04
CA ASP A 245 16.71 11.79 -10.37
C ASP A 245 15.48 11.29 -9.60
N ALA A 246 14.49 12.16 -9.39
CA ALA A 246 13.31 11.94 -8.52
C ALA A 246 12.06 11.75 -9.39
N LEU A 247 11.29 10.69 -9.10
CA LEU A 247 9.91 10.50 -9.62
C LEU A 247 8.97 11.22 -8.65
N VAL A 248 8.26 12.24 -9.12
CA VAL A 248 7.44 13.11 -8.25
C VAL A 248 5.96 12.76 -8.45
N PHE A 249 5.28 12.46 -7.37
CA PHE A 249 3.82 12.20 -7.35
C PHE A 249 3.12 13.37 -6.67
N VAL A 250 2.00 13.80 -7.24
CA VAL A 250 1.15 14.88 -6.68
C VAL A 250 -0.24 14.29 -6.54
N LEU A 251 -0.74 14.25 -5.31
CA LEU A 251 -1.98 13.53 -4.91
C LEU A 251 -3.03 14.57 -4.53
N ILE A 252 -4.17 14.59 -5.24
CA ILE A 252 -5.34 15.48 -5.00
C ILE A 252 -6.59 14.60 -4.82
N ASP A 253 -7.22 14.66 -3.65
CA ASP A 253 -8.60 14.16 -3.38
C ASP A 253 -9.64 15.19 -3.89
N GLU A 254 -10.64 14.74 -4.68
CA GLU A 254 -11.71 15.58 -5.28
C GLU A 254 -12.68 16.08 -4.21
N VAL A 255 -13.48 17.10 -4.55
CA VAL A 255 -14.27 17.94 -3.61
C VAL A 255 -15.48 18.55 -4.36
N ILE A 275 -12.97 29.79 -6.27
CA ILE A 275 -13.19 29.68 -7.75
C ILE A 275 -11.93 30.16 -8.48
N ARG A 276 -11.39 31.34 -8.13
CA ARG A 276 -10.12 31.87 -8.68
C ARG A 276 -8.96 31.04 -8.11
N VAL A 277 -9.12 30.50 -6.90
CA VAL A 277 -8.12 29.65 -6.20
C VAL A 277 -8.11 28.26 -6.86
N VAL A 278 -9.28 27.66 -7.06
CA VAL A 278 -9.46 26.34 -7.73
C VAL A 278 -8.84 26.42 -9.12
N ASN A 279 -9.25 27.42 -9.90
CA ASN A 279 -8.70 27.74 -11.24
C ASN A 279 -7.15 27.85 -11.19
N ALA A 280 -6.58 28.44 -10.13
CA ALA A 280 -5.11 28.59 -9.96
C ALA A 280 -4.44 27.23 -9.71
N VAL A 281 -5.01 26.34 -8.89
CA VAL A 281 -4.37 25.00 -8.69
C VAL A 281 -4.49 24.20 -10.00
N LEU A 282 -5.66 24.20 -10.64
CA LEU A 282 -5.87 23.45 -11.92
C LEU A 282 -4.86 23.96 -12.96
N THR A 283 -4.55 25.25 -12.99
CA THR A 283 -3.58 25.82 -13.96
C THR A 283 -2.19 25.31 -13.61
N GLN A 284 -1.92 25.17 -12.31
CA GLN A 284 -0.60 24.77 -11.76
C GLN A 284 -0.35 23.29 -12.04
N ILE A 285 -1.38 22.46 -11.91
CA ILE A 285 -1.33 20.99 -12.20
C ILE A 285 -0.97 20.84 -13.68
N ASP A 286 -1.65 21.60 -14.57
CA ASP A 286 -1.46 21.61 -16.04
C ASP A 286 0.01 21.88 -16.35
N GLN A 287 0.62 22.82 -15.63
CA GLN A 287 2.05 23.17 -15.82
C GLN A 287 2.89 21.97 -15.38
N ILE A 288 2.81 21.52 -14.12
CA ILE A 288 3.69 20.43 -13.59
C ILE A 288 3.42 19.10 -14.32
N LYS A 289 2.20 18.87 -14.80
CA LYS A 289 1.84 17.59 -15.47
C LYS A 289 2.57 17.48 -16.81
N ARG A 290 3.20 18.57 -17.28
CA ARG A 290 4.03 18.62 -18.52
C ARG A 290 5.36 17.85 -18.35
N HIS A 291 5.89 17.73 -17.12
CA HIS A 291 7.25 17.17 -16.87
C HIS A 291 7.23 15.64 -16.95
N SER A 292 8.33 15.06 -17.39
CA SER A 292 8.47 13.60 -17.65
C SER A 292 8.34 12.81 -16.36
N ASN A 293 8.81 13.40 -15.26
CA ASN A 293 9.01 12.72 -13.95
C ASN A 293 7.91 13.10 -12.95
N VAL A 294 6.70 13.40 -13.42
CA VAL A 294 5.56 13.81 -12.56
C VAL A 294 4.42 12.83 -12.81
N VAL A 295 3.82 12.22 -11.80
CA VAL A 295 2.49 11.60 -12.05
C VAL A 295 1.49 12.20 -11.08
N ILE A 296 0.29 12.49 -11.57
CA ILE A 296 -0.83 13.07 -10.82
C ILE A 296 -1.75 11.93 -10.41
N LEU A 297 -1.88 11.70 -9.09
CA LEU A 297 -2.79 10.68 -8.52
C LEU A 297 -4.02 11.44 -8.04
N THR A 298 -5.22 10.98 -8.39
CA THR A 298 -6.51 11.64 -8.04
C THR A 298 -7.47 10.58 -7.51
N THR A 299 -8.33 10.94 -6.56
CA THR A 299 -9.36 10.02 -6.02
C THR A 299 -10.70 10.73 -6.05
N SER A 300 -11.77 9.98 -6.26
CA SER A 300 -13.15 10.50 -6.27
C SER A 300 -14.08 9.49 -5.58
N ASN A 301 -14.83 9.92 -4.56
CA ASN A 301 -15.86 9.12 -3.85
C ASN A 301 -17.14 9.00 -4.69
N ILE A 302 -17.14 9.61 -5.89
CA ILE A 302 -18.13 9.36 -6.98
C ILE A 302 -17.65 8.12 -7.77
N VAL A 311 -8.07 15.59 -12.75
CA VAL A 311 -9.14 16.34 -13.50
C VAL A 311 -10.19 15.32 -14.00
N ASP A 312 -10.86 15.62 -15.12
CA ASP A 312 -11.85 14.74 -15.80
C ASP A 312 -11.15 13.92 -16.90
N ARG A 313 -10.05 14.44 -17.46
CA ARG A 313 -9.17 13.78 -18.47
C ARG A 313 -7.95 13.15 -17.77
N ALA A 314 -8.13 11.90 -17.32
CA ALA A 314 -7.11 10.97 -16.82
C ALA A 314 -7.09 9.73 -17.70
N ASP A 315 -5.97 9.39 -18.35
CA ASP A 315 -5.98 8.28 -19.33
C ASP A 315 -5.96 6.92 -18.60
N ILE A 316 -5.84 6.88 -17.26
CA ILE A 316 -6.01 5.63 -16.45
C ILE A 316 -7.01 5.88 -15.30
N LYS A 317 -8.25 5.40 -15.49
CA LYS A 317 -9.37 5.37 -14.51
C LYS A 317 -9.56 3.95 -14.00
N GLN A 318 -9.88 3.78 -12.72
CA GLN A 318 -9.97 2.46 -12.03
C GLN A 318 -11.02 2.54 -10.92
N TYR A 319 -12.10 1.77 -11.04
CA TYR A 319 -13.10 1.57 -9.97
C TYR A 319 -12.44 0.67 -8.92
N ILE A 320 -12.55 1.07 -7.65
CA ILE A 320 -12.14 0.32 -6.42
C ILE A 320 -13.42 0.15 -5.58
N GLY A 321 -13.93 -1.08 -5.49
CA GLY A 321 -15.19 -1.37 -4.79
C GLY A 321 -14.91 -1.93 -3.40
N PRO A 322 -15.96 -2.26 -2.61
CA PRO A 322 -15.77 -2.73 -1.25
C PRO A 322 -15.42 -4.22 -1.26
N PRO A 323 -14.98 -4.76 -0.13
CA PRO A 323 -14.48 -6.13 -0.12
C PRO A 323 -15.62 -7.14 -0.02
N SER A 324 -15.43 -8.29 -0.64
CA SER A 324 -16.29 -9.50 -0.50
C SER A 324 -15.75 -10.38 0.62
N ALA A 325 -16.57 -11.36 1.03
CA ALA A 325 -16.31 -12.38 2.06
C ALA A 325 -14.86 -12.88 1.98
N ALA A 326 -14.38 -13.25 0.79
CA ALA A 326 -13.01 -13.78 0.60
C ALA A 326 -11.99 -12.70 1.00
N ALA A 327 -12.16 -11.48 0.48
CA ALA A 327 -11.29 -10.32 0.74
C ALA A 327 -11.36 -10.03 2.24
N ILE A 328 -12.57 -10.01 2.77
CA ILE A 328 -12.79 -9.73 4.22
C ILE A 328 -12.04 -10.77 5.05
N PHE A 329 -12.04 -12.02 4.62
CA PHE A 329 -11.33 -13.10 5.32
C PHE A 329 -9.84 -12.75 5.31
N LYS A 330 -9.28 -12.41 4.13
CA LYS A 330 -7.82 -12.07 4.02
C LYS A 330 -7.51 -10.90 4.98
N ILE A 331 -8.36 -9.88 5.00
CA ILE A 331 -8.09 -8.65 5.80
C ILE A 331 -8.01 -9.04 7.28
N TYR A 332 -9.06 -9.67 7.81
CA TYR A 332 -9.14 -10.16 9.20
C TYR A 332 -7.92 -11.04 9.54
N LEU A 333 -7.52 -11.93 8.63
CA LEU A 333 -6.40 -12.88 8.84
C LEU A 333 -5.08 -12.10 8.97
N SER A 334 -4.89 -11.03 8.17
CA SER A 334 -3.69 -10.14 8.28
C SER A 334 -3.65 -9.50 9.68
N CYS A 335 -4.80 -9.15 10.25
CA CYS A 335 -4.91 -8.58 11.63
C CYS A 335 -4.59 -9.64 12.72
N LEU A 336 -5.12 -10.86 12.60
CA LEU A 336 -4.90 -11.90 13.63
C LEU A 336 -3.42 -12.29 13.65
N GLU A 337 -2.83 -12.44 12.47
CA GLU A 337 -1.39 -12.74 12.31
C GLU A 337 -0.60 -11.62 12.95
N GLU A 338 -1.01 -10.36 12.75
CA GLU A 338 -0.23 -9.22 13.30
C GLU A 338 -0.31 -9.28 14.84
N LEU A 339 -1.47 -9.62 15.40
CA LEU A 339 -1.66 -9.73 16.88
C LEU A 339 -0.93 -10.96 17.45
N MET A 340 -0.66 -11.97 16.64
CA MET A 340 0.15 -13.11 17.11
C MET A 340 1.64 -12.75 16.99
N LYS A 341 2.03 -11.99 15.95
CA LYS A 341 3.40 -11.44 15.84
C LYS A 341 3.72 -10.68 17.12
N CYS A 342 2.80 -9.83 17.60
CA CYS A 342 3.05 -8.89 18.74
C CYS A 342 2.72 -9.53 20.08
N GLN A 343 2.19 -10.75 20.11
CA GLN A 343 1.95 -11.52 21.37
C GLN A 343 0.91 -10.77 22.22
N ILE A 344 -0.04 -10.12 21.54
CA ILE A 344 -1.37 -9.75 22.08
C ILE A 344 -2.25 -10.99 22.01
N ILE A 345 -2.25 -11.71 20.90
CA ILE A 345 -2.86 -13.06 20.82
C ILE A 345 -1.73 -14.03 21.10
N TYR A 346 -1.74 -14.60 22.31
CA TYR A 346 -0.77 -15.61 22.84
C TYR A 346 -1.56 -16.82 23.33
N PRO A 347 -1.17 -18.06 23.02
CA PRO A 347 0.01 -18.36 22.20
C PRO A 347 -0.31 -18.38 20.70
N ARG A 348 0.72 -18.32 19.83
CA ARG A 348 0.57 -18.56 18.37
C ARG A 348 -0.20 -19.86 18.17
N GLN A 349 -1.29 -19.79 17.43
CA GLN A 349 -1.87 -20.97 16.76
C GLN A 349 -1.72 -20.70 15.26
N GLN A 350 -1.55 -21.77 14.49
CA GLN A 350 -1.55 -21.69 13.02
C GLN A 350 -3.00 -21.44 12.57
N LEU A 351 -3.16 -20.56 11.59
CA LEU A 351 -4.41 -20.20 10.90
C LEU A 351 -4.26 -20.61 9.44
N LEU A 352 -5.28 -21.23 8.84
CA LEU A 352 -5.27 -21.64 7.43
C LEU A 352 -5.90 -20.49 6.63
N THR A 353 -5.38 -20.28 5.42
CA THR A 353 -5.96 -19.40 4.37
C THR A 353 -7.21 -20.08 3.82
N LEU A 354 -8.07 -19.30 3.16
CA LEU A 354 -9.28 -19.76 2.44
C LEU A 354 -8.88 -20.79 1.35
N ARG A 355 -7.71 -20.63 0.70
CA ARG A 355 -7.23 -21.62 -0.30
C ARG A 355 -6.98 -22.90 0.49
N GLU A 356 -6.17 -22.81 1.54
CA GLU A 356 -5.65 -23.97 2.30
C GLU A 356 -6.82 -24.73 2.92
N LEU A 357 -7.95 -24.06 3.17
CA LEU A 357 -9.12 -24.77 3.74
C LEU A 357 -10.09 -25.19 2.62
N GLU A 358 -9.97 -24.65 1.40
CA GLU A 358 -10.61 -25.24 0.18
C GLU A 358 -9.92 -26.57 -0.16
N MET A 359 -8.61 -26.62 0.05
CA MET A 359 -7.70 -27.73 -0.33
C MET A 359 -8.04 -28.99 0.49
N ILE A 360 -8.52 -28.82 1.73
CA ILE A 360 -8.86 -29.91 2.69
C ILE A 360 -10.39 -30.02 2.81
N GLY A 361 -11.12 -29.52 1.80
CA GLY A 361 -12.59 -29.55 1.73
C GLY A 361 -13.26 -29.11 3.02
N PHE A 362 -12.77 -28.03 3.64
CA PHE A 362 -13.45 -27.27 4.71
C PHE A 362 -13.69 -28.14 5.95
N ILE A 363 -13.00 -29.28 6.06
CA ILE A 363 -13.19 -30.26 7.18
C ILE A 363 -12.60 -29.66 8.47
N GLU A 364 -13.18 -30.02 9.60
CA GLU A 364 -12.88 -29.45 10.94
C GLU A 364 -11.83 -30.33 11.64
N ASN A 365 -10.61 -29.82 11.80
CA ASN A 365 -9.63 -30.34 12.80
C ASN A 365 -9.31 -29.18 13.74
N ASN A 366 -8.28 -29.30 14.58
CA ASN A 366 -8.09 -28.39 15.74
C ASN A 366 -7.36 -27.11 15.31
N VAL A 367 -6.63 -27.13 14.19
CA VAL A 367 -6.15 -25.86 13.54
C VAL A 367 -7.30 -25.26 12.72
N SER A 368 -7.92 -26.06 11.85
CA SER A 368 -8.84 -25.59 10.77
C SER A 368 -10.14 -25.03 11.35
N LYS A 369 -10.47 -25.31 12.60
CA LYS A 369 -11.78 -24.88 13.18
C LYS A 369 -11.77 -23.36 13.43
N LEU A 370 -10.57 -22.79 13.63
CA LEU A 370 -10.37 -21.36 13.96
C LEU A 370 -10.62 -20.51 12.71
N SER A 371 -10.30 -21.06 11.54
CA SER A 371 -10.48 -20.41 10.21
C SER A 371 -11.91 -20.60 9.70
N LEU A 372 -12.57 -21.69 10.11
CA LEU A 372 -13.99 -21.96 9.77
C LEU A 372 -14.85 -20.91 10.47
N LEU A 373 -14.48 -20.59 11.70
CA LEU A 373 -15.10 -19.51 12.52
C LEU A 373 -14.81 -18.16 11.87
N LEU A 374 -13.56 -17.90 11.44
CA LEU A 374 -13.24 -16.61 10.80
C LEU A 374 -14.13 -16.48 9.56
N ASN A 375 -14.32 -17.58 8.83
CA ASN A 375 -15.08 -17.54 7.55
C ASN A 375 -16.53 -17.16 7.82
N ASP A 376 -17.09 -17.53 8.97
CA ASP A 376 -18.49 -17.18 9.37
C ASP A 376 -18.54 -15.69 9.73
N ILE A 377 -17.52 -15.24 10.47
CA ILE A 377 -17.42 -13.82 10.93
C ILE A 377 -17.26 -12.93 9.68
N SER A 378 -16.39 -13.31 8.74
CA SER A 378 -16.28 -12.69 7.39
C SER A 378 -17.67 -12.57 6.74
N ARG A 379 -18.39 -13.67 6.60
CA ARG A 379 -19.70 -13.68 5.90
C ARG A 379 -20.63 -12.67 6.58
N LYS A 380 -20.54 -12.52 7.89
CA LYS A 380 -21.52 -11.65 8.61
C LYS A 380 -21.00 -10.19 8.65
N SER A 381 -19.81 -9.94 8.06
CA SER A 381 -19.14 -8.62 7.98
C SER A 381 -19.41 -7.96 6.61
N GLU A 382 -19.79 -8.71 5.58
CA GLU A 382 -19.93 -8.23 4.17
C GLU A 382 -20.83 -6.99 4.12
N GLY A 383 -20.40 -5.96 3.38
CA GLY A 383 -21.09 -4.64 3.31
C GLY A 383 -20.44 -3.59 4.20
N LEU A 384 -19.56 -3.98 5.13
CA LEU A 384 -18.66 -3.06 5.88
C LEU A 384 -17.46 -2.70 5.00
N SER A 385 -16.93 -1.46 5.13
CA SER A 385 -15.77 -0.93 4.36
C SER A 385 -14.45 -1.49 4.92
N GLY A 386 -13.40 -1.53 4.09
CA GLY A 386 -12.04 -1.88 4.53
C GLY A 386 -11.65 -1.07 5.74
N ARG A 387 -12.08 0.19 5.80
CA ARG A 387 -11.74 1.14 6.90
C ARG A 387 -12.38 0.65 8.21
N VAL A 388 -13.62 0.18 8.17
CA VAL A 388 -14.31 -0.35 9.38
C VAL A 388 -13.65 -1.67 9.78
N LEU A 389 -13.41 -2.53 8.81
CA LEU A 389 -12.78 -3.86 9.00
C LEU A 389 -11.46 -3.72 9.74
N ARG A 390 -10.62 -2.76 9.38
CA ARG A 390 -9.27 -2.66 9.98
C ARG A 390 -9.39 -1.96 11.34
N LYS A 391 -10.52 -1.31 11.62
CA LYS A 391 -10.82 -0.70 12.94
C LYS A 391 -11.42 -1.74 13.88
N LEU A 392 -12.11 -2.75 13.35
CA LEU A 392 -12.90 -3.69 14.17
C LEU A 392 -12.01 -4.42 15.16
N PRO A 393 -10.80 -4.91 14.81
CA PRO A 393 -9.99 -5.65 15.79
C PRO A 393 -9.55 -4.77 16.97
N PHE A 394 -9.47 -3.46 16.75
CA PHE A 394 -9.21 -2.51 17.84
C PHE A 394 -10.43 -2.43 18.76
N LEU A 395 -11.63 -2.22 18.22
CA LEU A 395 -12.89 -2.13 19.01
C LEU A 395 -13.06 -3.42 19.82
N ALA A 396 -12.98 -4.57 19.16
CA ALA A 396 -13.05 -5.92 19.76
C ALA A 396 -12.19 -5.97 21.02
N HIS A 397 -10.95 -5.52 20.92
CA HIS A 397 -9.98 -5.58 22.05
C HIS A 397 -10.40 -4.60 23.15
N ALA A 398 -10.67 -3.35 22.80
CA ALA A 398 -10.97 -2.26 23.75
C ALA A 398 -12.24 -2.58 24.54
N LEU A 399 -13.30 -3.03 23.89
CA LEU A 399 -14.63 -3.28 24.51
C LEU A 399 -14.69 -4.65 25.20
N TYR A 400 -14.11 -5.72 24.65
CA TYR A 400 -14.43 -7.10 25.08
C TYR A 400 -13.20 -7.93 25.47
N VAL A 401 -11.99 -7.38 25.52
CA VAL A 401 -10.79 -8.14 25.98
C VAL A 401 -10.11 -7.29 27.06
N GLN A 402 -10.09 -7.74 28.31
CA GLN A 402 -9.41 -6.93 29.37
C GLN A 402 -7.91 -6.97 29.08
N ALA A 403 -7.33 -8.16 29.17
CA ALA A 403 -5.90 -8.36 29.51
C ALA A 403 -4.98 -7.92 28.37
N PRO A 404 -3.67 -7.78 28.68
CA PRO A 404 -2.63 -7.61 27.66
C PRO A 404 -2.50 -8.78 26.68
N THR A 405 -2.99 -9.97 27.04
CA THR A 405 -3.04 -11.15 26.13
C THR A 405 -4.44 -11.77 26.17
N VAL A 406 -4.72 -12.63 25.20
CA VAL A 406 -6.02 -13.31 24.98
C VAL A 406 -5.74 -14.42 23.96
N THR A 407 -6.55 -15.48 23.98
CA THR A 407 -6.42 -16.65 23.09
C THR A 407 -7.00 -16.28 21.72
N ILE A 408 -6.61 -16.99 20.65
CA ILE A 408 -7.23 -16.88 19.30
C ILE A 408 -8.71 -17.19 19.43
N GLU A 409 -9.07 -18.14 20.29
CA GLU A 409 -10.49 -18.54 20.51
C GLU A 409 -11.17 -17.35 21.20
N GLY A 410 -10.49 -16.75 22.19
CA GLY A 410 -10.95 -15.55 22.90
C GLY A 410 -11.12 -14.37 21.95
N PHE A 411 -10.18 -14.19 21.00
CA PHE A 411 -10.15 -12.97 20.17
C PHE A 411 -11.33 -13.01 19.19
N LEU A 412 -11.57 -14.17 18.58
CA LEU A 412 -12.60 -14.37 17.52
C LEU A 412 -13.98 -14.16 18.13
N GLN A 413 -14.13 -14.52 19.40
CA GLN A 413 -15.37 -14.26 20.16
C GLN A 413 -15.59 -12.74 20.17
N ALA A 414 -14.58 -11.95 20.56
CA ALA A 414 -14.61 -10.46 20.65
C ALA A 414 -14.88 -9.84 19.29
N LEU A 415 -14.19 -10.31 18.24
CA LEU A 415 -14.35 -9.78 16.87
C LEU A 415 -15.81 -9.98 16.45
N SER A 416 -16.31 -11.21 16.57
CA SER A 416 -17.72 -11.60 16.30
C SER A 416 -18.68 -10.62 16.98
N LEU A 417 -18.47 -10.39 18.26
CA LEU A 417 -19.21 -9.40 19.09
C LEU A 417 -19.07 -7.98 18.48
N ALA A 418 -17.86 -7.56 18.10
CA ALA A 418 -17.57 -6.23 17.52
C ALA A 418 -18.31 -6.04 16.19
N VAL A 419 -18.40 -7.06 15.35
CA VAL A 419 -19.15 -6.94 14.06
C VAL A 419 -20.63 -6.70 14.38
N ASP A 420 -21.19 -7.37 15.40
CA ASP A 420 -22.60 -7.20 15.82
C ASP A 420 -22.86 -5.77 16.30
N LYS A 421 -22.01 -5.21 17.17
CA LYS A 421 -22.14 -3.81 17.66
C LYS A 421 -22.13 -2.83 16.48
N GLN A 422 -21.22 -3.04 15.52
CA GLN A 422 -21.10 -2.21 14.30
C GLN A 422 -22.45 -2.15 13.58
N PHE A 423 -23.09 -3.30 13.33
CA PHE A 423 -24.37 -3.38 12.57
C PHE A 423 -25.53 -2.85 13.42
N GLU A 424 -25.56 -3.14 14.72
CA GLU A 424 -26.70 -2.76 15.60
C GLU A 424 -26.72 -1.23 15.79
N GLU A 425 -25.61 -0.52 15.57
CA GLU A 425 -25.54 0.97 15.67
C GLU A 425 -26.07 1.60 14.37
N ARG A 426 -25.39 1.35 13.24
CA ARG A 426 -25.69 1.96 11.90
C ARG A 426 -27.19 2.14 11.73
#